data_2JK8
#
_entry.id   2JK8
#
_cell.length_a   72.948
_cell.length_b   82.877
_cell.length_c   126.729
_cell.angle_alpha   90.00
_cell.angle_beta   90.00
_cell.angle_gamma   90.00
#
_symmetry.space_group_name_H-M   'P 21 21 21'
#
loop_
_entity.id
_entity.type
_entity.pdbx_description
1 polymer 'PUTATIVE CELL FILAMENTATION PROTEIN (BEPA PROTEIN)'
2 non-polymer 'NICKEL (II) ION'
3 non-polymer "ADENOSINE-5'-TRIPHOSPHATE"
4 non-polymer 'MAGNESIUM ION'
5 non-polymer 'CHLORIDE ION'
6 water water
#
_entity_poly.entity_id   1
_entity_poly.type   'polypeptide(L)'
_entity_poly.pdbx_seq_one_letter_code
;MPKAKAKTKNTEIISPHHYVYPNTTTLKNKYGIKNLNAFLEKCSHDTAKAMINLREESLPEYFDTAYLCHIHQQLFKNTF
EWAGYLRHIPFTFADGTTAAMPEMKRTGWKNAFAIGDEIQEGLQRLDQTLAEKNNLQGLTREEFNSEAIELFNSLNQLHP
FREGNGRTQRLFFENLAKAAGHQLNFSLITKERMMVASVAVAENGDLEPMQHLFEDISNPEKIRLLKEFMHTMKNTGRNV
NDRPVMVAKEGETYTGTYRGAGLEGFALNVKGAYIIGNIDHLPPEQLKILKPGDKITFTAPK
;
_entity_poly.pdbx_strand_id   A,B
#
# COMPACT_ATOMS: atom_id res chain seq x y z
N GLU A 12 15.31 32.41 25.54
CA GLU A 12 15.25 33.64 24.69
C GLU A 12 13.95 33.82 23.91
N ILE A 13 13.72 35.06 23.48
CA ILE A 13 12.55 35.49 22.68
C ILE A 13 12.44 34.70 21.38
N ILE A 14 13.50 34.73 20.58
CA ILE A 14 13.60 33.94 19.33
C ILE A 14 14.34 32.62 19.59
N SER A 15 13.62 31.51 19.70
CA SER A 15 14.24 30.24 20.06
C SER A 15 13.84 29.10 19.15
N PRO A 16 14.76 28.15 18.88
CA PRO A 16 14.37 26.91 18.22
C PRO A 16 13.34 26.11 19.02
N HIS A 17 13.37 26.18 20.36
CA HIS A 17 12.44 25.41 21.21
C HIS A 17 10.98 25.80 20.93
N HIS A 18 10.79 26.98 20.34
CA HIS A 18 9.45 27.49 20.02
C HIS A 18 8.81 26.85 18.77
N TYR A 19 9.55 25.95 18.13
CA TYR A 19 9.03 25.18 16.98
C TYR A 19 8.15 24.02 17.42
N VAL A 20 8.34 23.57 18.66
CA VAL A 20 7.75 22.33 19.15
C VAL A 20 6.83 22.61 20.34
N TYR A 21 5.83 21.75 20.54
CA TYR A 21 4.95 21.86 21.71
C TYR A 21 5.78 21.59 22.99
N PRO A 22 5.53 22.36 24.07
CA PRO A 22 6.27 22.18 25.33
C PRO A 22 6.18 20.76 25.89
N ASN A 23 7.27 20.30 26.48
CA ASN A 23 7.39 18.94 27.02
C ASN A 23 7.34 17.82 25.96
N THR A 24 7.19 18.14 24.68
CA THR A 24 7.12 17.12 23.63
C THR A 24 8.22 17.31 22.61
N THR A 25 8.32 16.35 21.70
CA THR A 25 9.28 16.41 20.62
C THR A 25 8.55 16.71 19.31
N THR A 26 7.26 17.00 19.38
CA THR A 26 6.42 17.05 18.18
C THR A 26 6.17 18.50 17.75
N LEU A 27 6.49 18.79 16.49
CA LEU A 27 6.37 20.15 15.92
C LEU A 27 4.97 20.69 16.07
N LYS A 28 4.85 22.01 16.20
CA LYS A 28 3.56 22.65 16.25
C LYS A 28 2.95 22.52 14.86
N ASN A 29 1.66 22.17 14.82
CA ASN A 29 0.98 21.96 13.56
C ASN A 29 -0.43 22.55 13.55
N LYS A 30 -0.94 22.80 12.36
CA LYS A 30 -2.28 23.36 12.16
C LYS A 30 -3.43 22.43 12.58
N TYR A 31 -3.12 21.17 12.87
CA TYR A 31 -4.12 20.21 13.29
C TYR A 31 -4.30 20.24 14.80
N GLY A 32 -3.36 20.83 15.52
CA GLY A 32 -3.39 20.79 16.98
C GLY A 32 -3.07 19.43 17.61
N ILE A 33 -2.55 18.50 16.82
CA ILE A 33 -2.15 17.19 17.32
C ILE A 33 -0.79 17.22 18.05
N LYS A 34 -0.77 16.77 19.30
CA LYS A 34 0.46 16.70 20.08
C LYS A 34 1.11 15.30 20.13
N ASN A 35 0.37 14.24 19.79
CA ASN A 35 0.92 12.88 19.71
C ASN A 35 1.74 12.70 18.44
N LEU A 36 3.03 12.39 18.59
CA LEU A 36 3.94 12.36 17.45
C LEU A 36 3.43 11.45 16.34
N ASN A 37 3.03 10.24 16.70
CA ASN A 37 2.56 9.26 15.73
C ASN A 37 1.28 9.66 14.99
N ALA A 38 0.35 10.26 15.72
CA ALA A 38 -0.92 10.68 15.15
C ALA A 38 -0.69 11.84 14.17
N PHE A 39 0.15 12.78 14.57
CA PHE A 39 0.54 13.90 13.72
C PHE A 39 1.19 13.43 12.43
N LEU A 40 2.11 12.48 12.55
CA LEU A 40 2.91 12.01 11.40
C LEU A 40 2.07 11.26 10.36
N GLU A 41 1.01 10.62 10.83
CA GLU A 41 0.04 9.97 9.97
C GLU A 41 -0.82 10.97 9.23
N LYS A 42 -1.29 12.00 9.92
CA LYS A 42 -2.11 13.03 9.32
C LYS A 42 -1.27 13.82 8.30
N CYS A 43 -0.05 14.14 8.67
CA CYS A 43 0.84 14.84 7.78
C CYS A 43 1.10 14.00 6.53
N SER A 44 1.34 12.73 6.75
CA SER A 44 1.66 11.82 5.67
C SER A 44 0.52 11.81 4.66
N HIS A 45 -0.70 11.59 5.15
CA HIS A 45 -1.92 11.65 4.35
C HIS A 45 -2.07 12.98 3.59
N ASP A 46 -1.98 14.12 4.28
CA ASP A 46 -2.21 15.42 3.64
C ASP A 46 -1.16 15.77 2.57
N THR A 47 0.11 15.55 2.89
CA THR A 47 1.19 15.87 1.95
C THR A 47 1.17 14.97 0.69
N ALA A 48 0.71 13.73 0.84
CA ALA A 48 0.48 12.83 -0.30
C ALA A 48 -0.54 13.41 -1.30
N LYS A 49 -1.63 13.99 -0.78
CA LYS A 49 -2.62 14.66 -1.63
C LYS A 49 -2.02 15.88 -2.35
N ALA A 50 -1.23 16.67 -1.62
CA ALA A 50 -0.58 17.84 -2.18
C ALA A 50 0.34 17.47 -3.34
N MET A 51 1.15 16.42 -3.18
CA MET A 51 1.98 15.91 -4.29
C MET A 51 1.18 15.64 -5.57
N ILE A 52 0.06 14.92 -5.45
CA ILE A 52 -0.77 14.60 -6.61
C ILE A 52 -1.14 15.87 -7.41
N ASN A 53 -1.54 16.91 -6.69
CA ASN A 53 -1.88 18.19 -7.30
C ASN A 53 -0.65 18.93 -7.78
N LEU A 54 0.42 18.95 -6.98
CA LEU A 54 1.63 19.64 -7.40
C LEU A 54 2.21 19.09 -8.68
N ARG A 55 2.22 17.77 -8.84
CA ARG A 55 2.71 17.13 -10.06
C ARG A 55 1.89 17.48 -11.29
N GLU A 56 0.68 18.00 -11.08
CA GLU A 56 -0.17 18.46 -12.19
C GLU A 56 -0.06 19.94 -12.54
N GLU A 57 0.54 20.76 -11.68
CA GLU A 57 0.65 22.18 -11.99
C GLU A 57 1.72 22.35 -13.08
N SER A 58 1.60 23.42 -13.87
CA SER A 58 2.54 23.66 -14.95
C SER A 58 3.91 23.98 -14.40
N LEU A 59 4.92 23.68 -15.20
CA LEU A 59 6.29 24.00 -14.84
C LEU A 59 6.44 25.52 -14.75
N PRO A 60 7.37 25.99 -13.89
CA PRO A 60 7.54 27.42 -13.75
C PRO A 60 8.44 27.92 -14.85
N GLU A 61 8.51 29.23 -15.01
CA GLU A 61 9.44 29.83 -15.94
C GLU A 61 10.87 29.90 -15.35
N TYR A 62 10.96 30.27 -14.08
CA TYR A 62 12.24 30.34 -13.37
C TYR A 62 12.30 29.29 -12.29
N PHE A 63 13.47 28.68 -12.15
CA PHE A 63 13.77 27.76 -11.06
C PHE A 63 14.69 28.47 -10.11
N ASP A 64 14.12 29.16 -9.15
CA ASP A 64 14.90 29.82 -8.13
C ASP A 64 14.38 29.40 -6.76
N THR A 65 14.81 30.05 -5.69
CA THR A 65 14.41 29.61 -4.37
C THR A 65 12.96 29.98 -4.12
N ALA A 66 12.47 31.06 -4.75
CA ALA A 66 11.04 31.37 -4.71
C ALA A 66 10.21 30.17 -5.15
N TYR A 67 10.68 29.45 -6.16
CA TYR A 67 10.01 28.23 -6.62
C TYR A 67 10.20 27.08 -5.61
N LEU A 68 11.41 26.92 -5.10
CA LEU A 68 11.63 25.96 -4.02
C LEU A 68 10.63 26.18 -2.87
N CYS A 69 10.43 27.44 -2.50
CA CYS A 69 9.53 27.81 -1.42
C CYS A 69 8.05 27.57 -1.74
N HIS A 70 7.67 27.81 -3.00
CA HIS A 70 6.31 27.60 -3.48
C HIS A 70 5.97 26.13 -3.30
N ILE A 71 6.92 25.27 -3.63
CA ILE A 71 6.73 23.85 -3.49
C ILE A 71 6.49 23.52 -2.04
N HIS A 72 7.36 24.00 -1.17
CA HIS A 72 7.25 23.64 0.24
C HIS A 72 5.92 24.16 0.82
N GLN A 73 5.62 25.41 0.49
CA GLN A 73 4.35 26.05 0.84
C GLN A 73 3.12 25.25 0.37
N GLN A 74 3.17 24.73 -0.85
CA GLN A 74 2.05 23.94 -1.38
C GLN A 74 1.92 22.58 -0.70
N LEU A 75 3.06 21.93 -0.42
CA LEU A 75 3.07 20.64 0.26
C LEU A 75 2.57 20.71 1.70
N PHE A 76 3.07 21.68 2.44
CA PHE A 76 2.78 21.78 3.87
C PHE A 76 1.73 22.85 4.25
N LYS A 77 0.98 23.39 3.29
CA LYS A 77 0.05 24.48 3.60
C LYS A 77 -0.94 24.11 4.71
N ASN A 78 -1.40 22.87 4.73
CA ASN A 78 -2.35 22.37 5.74
C ASN A 78 -1.75 21.79 7.03
N THR A 79 -0.43 21.74 7.13
CA THR A 79 0.24 21.13 8.28
C THR A 79 0.95 22.15 9.16
N PHE A 80 1.72 23.06 8.51
CA PHE A 80 2.57 24.01 9.21
C PHE A 80 2.26 25.45 8.86
N GLU A 81 2.28 26.31 9.87
CA GLU A 81 2.07 27.74 9.66
C GLU A 81 3.22 28.36 8.88
N TRP A 82 4.40 27.78 8.98
CA TRP A 82 5.58 28.37 8.34
C TRP A 82 5.89 27.71 7.00
N ALA A 83 4.86 27.12 6.38
CA ALA A 83 5.04 26.34 5.17
C ALA A 83 6.07 27.01 4.21
N GLY A 84 5.80 28.17 3.65
CA GLY A 84 6.75 28.64 2.64
C GLY A 84 8.15 29.07 3.12
N TYR A 85 8.41 28.99 4.42
CA TYR A 85 9.45 29.82 5.06
C TYR A 85 10.78 29.13 5.21
N LEU A 86 11.86 29.85 4.97
CA LEU A 86 13.20 29.35 5.26
C LEU A 86 13.51 29.49 6.76
N ARG A 87 14.36 28.61 7.27
CA ARG A 87 14.57 28.46 8.73
C ARG A 87 15.46 29.48 9.43
N HIS A 88 16.19 30.31 8.69
CA HIS A 88 16.98 31.38 9.30
C HIS A 88 16.12 32.64 9.54
N ILE A 89 14.91 32.72 8.99
CA ILE A 89 14.03 33.89 9.14
C ILE A 89 13.04 33.73 10.31
N PRO A 90 13.18 34.55 11.37
CA PRO A 90 12.29 34.44 12.53
C PRO A 90 10.82 34.44 12.17
N PHE A 91 10.07 33.52 12.77
CA PHE A 91 8.69 33.29 12.41
C PHE A 91 7.80 33.33 13.64
N THR A 92 6.84 34.26 13.68
CA THR A 92 5.94 34.37 14.82
C THR A 92 4.67 33.58 14.62
N PHE A 93 4.43 32.59 15.46
CA PHE A 93 3.23 31.79 15.36
C PHE A 93 2.00 32.58 15.75
N ALA A 94 0.84 32.07 15.32
CA ALA A 94 -0.44 32.57 15.77
C ALA A 94 -0.49 32.71 17.31
N ASP A 95 0.09 31.75 18.03
CA ASP A 95 0.12 31.75 19.52
C ASP A 95 1.04 32.80 20.12
N GLY A 96 1.81 33.49 19.30
CA GLY A 96 2.61 34.61 19.76
C GLY A 96 4.10 34.33 19.90
N THR A 97 4.48 33.06 20.02
CA THR A 97 5.89 32.70 20.21
C THR A 97 6.63 32.80 18.88
N THR A 98 7.92 33.11 18.92
CA THR A 98 8.71 33.31 17.71
C THR A 98 9.85 32.31 17.68
N ALA A 99 10.00 31.67 16.51
CA ALA A 99 10.93 30.55 16.30
C ALA A 99 11.87 30.78 15.13
N ALA A 100 13.08 30.22 15.22
CA ALA A 100 14.08 30.26 14.13
C ALA A 100 15.19 29.27 14.46
N MET A 101 15.65 28.52 13.48
CA MET A 101 16.71 27.53 13.71
C MET A 101 17.84 27.77 12.75
N PRO A 102 18.77 28.67 13.11
CA PRO A 102 19.87 28.93 12.20
C PRO A 102 20.88 27.81 12.20
N GLU A 103 20.98 27.08 13.32
CA GLU A 103 22.03 26.10 13.59
C GLU A 103 21.73 24.68 13.08
N MET A 104 20.81 23.97 13.73
CA MET A 104 20.49 22.54 13.44
C MET A 104 21.08 21.58 14.47
N LYS A 105 22.39 21.67 14.67
CA LYS A 105 23.11 20.95 15.73
C LYS A 105 23.17 19.43 15.50
N ARG A 106 24.01 19.20 14.68
CA ARG A 106 24.35 17.79 14.60
C ARG A 106 25.17 17.55 15.85
N THR A 107 25.64 16.33 16.04
CA THR A 107 26.72 16.11 16.98
C THR A 107 27.97 16.73 16.35
N GLY A 108 28.86 17.27 17.18
CA GLY A 108 30.07 17.92 16.70
C GLY A 108 30.84 17.12 15.67
N TRP A 109 30.89 15.80 15.86
CA TRP A 109 31.64 14.91 14.97
C TRP A 109 30.98 14.64 13.62
N LYS A 110 29.68 14.93 13.49
CA LYS A 110 29.00 14.81 12.21
C LYS A 110 29.27 16.03 11.33
N ASN A 111 29.14 15.85 10.02
CA ASN A 111 29.25 16.94 9.07
C ASN A 111 28.02 17.85 9.21
N ALA A 112 28.21 18.93 9.13
CA ALA A 112 27.16 19.84 9.54
C ALA A 112 26.57 20.59 8.34
N PHE A 113 25.31 20.99 8.46
CA PHE A 113 24.66 21.86 7.49
C PHE A 113 25.05 23.32 7.71
N ALA A 114 24.63 24.22 6.81
CA ALA A 114 24.98 25.65 6.89
C ALA A 114 24.31 26.39 8.04
N ILE A 115 25.03 27.35 8.62
CA ILE A 115 24.55 28.12 9.77
C ILE A 115 24.21 29.58 9.42
N GLY A 116 23.06 30.04 9.87
CA GLY A 116 22.70 31.44 9.79
C GLY A 116 22.61 32.04 8.39
N ASP A 117 23.54 32.96 8.08
CA ASP A 117 23.46 33.72 6.84
C ASP A 117 24.12 33.00 5.67
N GLU A 118 24.82 31.90 5.97
CA GLU A 118 25.29 30.98 4.95
C GLU A 118 24.13 30.42 4.16
N ILE A 119 23.00 30.15 4.83
CA ILE A 119 21.79 29.68 4.17
C ILE A 119 21.43 30.64 3.03
N GLN A 120 21.37 31.93 3.35
CA GLN A 120 21.06 32.93 2.34
C GLN A 120 22.17 33.03 1.28
N GLU A 121 23.43 33.08 1.69
CA GLU A 121 24.52 33.10 0.71
C GLU A 121 24.38 31.92 -0.26
N GLY A 122 24.24 30.72 0.29
CA GLY A 122 24.14 29.51 -0.53
C GLY A 122 23.01 29.54 -1.52
N LEU A 123 21.82 29.89 -1.06
CA LEU A 123 20.63 29.90 -1.89
C LEU A 123 20.66 30.96 -3.01
N GLN A 124 21.21 32.14 -2.69
CA GLN A 124 21.34 33.22 -3.69
C GLN A 124 22.30 32.75 -4.77
N ARG A 125 23.36 32.08 -4.37
CA ARG A 125 24.33 31.44 -5.28
C ARG A 125 23.64 30.41 -6.21
N LEU A 126 22.80 29.55 -5.64
CA LEU A 126 22.05 28.57 -6.40
C LEU A 126 21.16 29.29 -7.44
N ASP A 127 20.50 30.38 -7.02
CA ASP A 127 19.63 31.16 -7.91
C ASP A 127 20.43 31.80 -9.00
N GLN A 128 21.57 32.34 -8.59
CA GLN A 128 22.48 33.04 -9.49
C GLN A 128 22.99 32.11 -10.59
N THR A 129 23.41 30.89 -10.24
CA THR A 129 23.96 29.98 -11.26
C THR A 129 22.89 29.45 -12.24
N LEU A 130 21.69 29.10 -11.74
CA LEU A 130 20.56 28.65 -12.58
C LEU A 130 20.07 29.73 -13.57
N ALA A 131 20.19 30.99 -13.18
CA ALA A 131 19.86 32.11 -14.05
C ALA A 131 20.91 32.32 -15.15
N GLU A 132 22.19 32.17 -14.80
CA GLU A 132 23.29 32.29 -15.76
C GLU A 132 23.32 31.17 -16.79
N LYS A 133 22.87 29.98 -16.40
CA LYS A 133 22.86 28.79 -17.26
C LYS A 133 21.46 28.45 -17.80
N ASN A 134 20.56 29.43 -17.80
CA ASN A 134 19.20 29.27 -18.31
C ASN A 134 18.60 27.97 -17.87
N ASN A 135 18.60 27.74 -16.56
CA ASN A 135 18.06 26.51 -15.96
C ASN A 135 18.60 25.19 -16.57
N LEU A 136 19.86 25.20 -16.98
CA LEU A 136 20.53 24.00 -17.49
C LEU A 136 19.89 23.45 -18.74
N GLN A 137 19.55 24.33 -19.65
CA GLN A 137 18.57 24.01 -20.68
C GLN A 137 19.06 23.45 -22.00
N GLY A 138 20.20 23.88 -22.54
CA GLY A 138 20.60 23.36 -23.86
C GLY A 138 21.69 22.31 -23.87
N LEU A 139 21.56 21.30 -23.02
CA LEU A 139 22.68 20.40 -22.71
C LEU A 139 22.44 18.94 -23.02
N THR A 140 23.52 18.18 -23.10
CA THR A 140 23.42 16.74 -23.27
C THR A 140 23.13 16.17 -21.91
N ARG A 141 22.83 14.88 -21.84
CA ARG A 141 22.53 14.28 -20.54
C ARG A 141 23.70 14.27 -19.58
N GLU A 142 24.89 13.93 -20.07
CA GLU A 142 26.06 14.00 -19.21
C GLU A 142 26.29 15.44 -18.70
N GLU A 143 26.20 16.43 -19.58
CA GLU A 143 26.34 17.84 -19.17
C GLU A 143 25.27 18.19 -18.13
N PHE A 144 24.04 17.80 -18.38
CA PHE A 144 22.97 18.16 -17.46
C PHE A 144 23.13 17.47 -16.11
N ASN A 145 23.41 16.17 -16.14
CA ASN A 145 23.63 15.42 -14.90
C ASN A 145 24.80 15.91 -14.06
N SER A 146 25.88 16.31 -14.72
CA SER A 146 27.04 16.84 -14.00
C SER A 146 26.72 18.13 -13.24
N GLU A 147 26.06 19.05 -13.93
CA GLU A 147 25.62 20.32 -13.33
C GLU A 147 24.56 20.13 -12.25
N ALA A 148 23.59 19.27 -12.52
CA ALA A 148 22.53 18.99 -11.57
C ALA A 148 23.09 18.42 -10.25
N ILE A 149 24.07 17.51 -10.34
CA ILE A 149 24.66 16.91 -9.14
C ILE A 149 25.33 17.95 -8.24
N GLU A 150 26.03 18.92 -8.81
CA GLU A 150 26.60 19.98 -7.98
C GLU A 150 25.51 20.73 -7.24
N LEU A 151 24.54 21.22 -7.98
CA LEU A 151 23.43 21.94 -7.36
C LEU A 151 22.69 21.11 -6.33
N PHE A 152 22.42 19.84 -6.63
CA PHE A 152 21.70 18.96 -5.70
C PHE A 152 22.46 18.75 -4.39
N ASN A 153 23.75 18.45 -4.49
CA ASN A 153 24.59 18.30 -3.30
C ASN A 153 24.63 19.58 -2.50
N SER A 154 24.80 20.67 -3.23
CA SER A 154 24.82 22.00 -2.65
C SER A 154 23.58 22.29 -1.81
N LEU A 155 22.41 22.13 -2.42
CA LEU A 155 21.12 22.35 -1.73
C LEU A 155 20.90 21.37 -0.58
N ASN A 156 21.44 20.17 -0.70
CA ASN A 156 21.37 19.21 0.37
C ASN A 156 22.11 19.69 1.62
N GLN A 157 23.25 20.36 1.46
CA GLN A 157 24.00 20.81 2.65
C GLN A 157 23.42 22.11 3.24
N LEU A 158 22.58 22.80 2.50
CA LEU A 158 21.95 24.01 3.04
C LEU A 158 20.79 23.67 3.97
N HIS A 159 20.08 22.57 3.71
CA HIS A 159 18.96 22.08 4.54
C HIS A 159 18.10 23.29 4.90
N PRO A 160 17.53 23.94 3.88
CA PRO A 160 17.00 25.31 3.97
C PRO A 160 15.73 25.45 4.80
N PHE A 161 14.93 24.39 4.88
CA PHE A 161 13.73 24.38 5.67
C PHE A 161 13.94 23.54 6.91
N ARG A 162 13.21 23.90 7.97
CA ARG A 162 13.17 23.15 9.22
C ARG A 162 12.80 21.68 9.02
N GLU A 163 11.90 21.41 8.07
CA GLU A 163 11.47 20.04 7.75
C GLU A 163 10.87 20.03 6.34
N GLY A 164 10.89 18.85 5.71
CA GLY A 164 10.28 18.68 4.39
C GLY A 164 11.25 18.97 3.26
N ASN A 165 12.53 18.97 3.57
CA ASN A 165 13.56 19.26 2.57
C ASN A 165 13.58 18.22 1.44
N GLY A 166 13.52 16.93 1.79
CA GLY A 166 13.67 15.82 0.84
C GLY A 166 12.68 15.88 -0.29
N ARG A 167 11.40 15.89 0.05
CA ARG A 167 10.37 15.85 -0.97
C ARG A 167 10.48 17.07 -1.86
N THR A 168 10.68 18.25 -1.28
CA THR A 168 10.61 19.47 -2.08
C THR A 168 11.86 19.57 -2.99
N GLN A 169 13.00 19.20 -2.46
CA GLN A 169 14.24 19.10 -3.24
C GLN A 169 14.09 18.12 -4.41
N ARG A 170 13.51 16.96 -4.14
CA ARG A 170 13.29 15.94 -5.15
C ARG A 170 12.40 16.45 -6.28
N LEU A 171 11.33 17.16 -5.95
CA LEU A 171 10.38 17.62 -6.96
C LEU A 171 10.92 18.84 -7.72
N PHE A 172 11.72 19.65 -7.05
CA PHE A 172 12.41 20.74 -7.70
C PHE A 172 13.26 20.24 -8.90
N PHE A 173 13.95 19.12 -8.67
CA PHE A 173 14.90 18.60 -9.64
C PHE A 173 14.24 17.72 -10.70
N GLU A 174 13.23 16.97 -10.30
CA GLU A 174 12.44 16.22 -11.26
C GLU A 174 11.86 17.17 -12.33
N ASN A 175 11.42 18.34 -11.88
CA ASN A 175 10.88 19.34 -12.78
C ASN A 175 11.93 20.13 -13.55
N LEU A 176 13.08 20.41 -12.94
CA LEU A 176 14.16 21.11 -13.62
C LEU A 176 14.55 20.28 -14.82
N ALA A 177 14.78 18.98 -14.58
CA ALA A 177 15.17 18.02 -15.65
C ALA A 177 14.17 17.99 -16.80
N LYS A 178 12.89 17.86 -16.46
CA LYS A 178 11.80 17.78 -17.43
C LYS A 178 11.83 19.02 -18.32
N ALA A 179 11.91 20.19 -17.71
CA ALA A 179 12.02 21.45 -18.46
C ALA A 179 13.26 21.51 -19.34
N ALA A 180 14.37 20.90 -18.88
CA ALA A 180 15.63 20.96 -19.62
C ALA A 180 15.79 19.88 -20.70
N GLY A 181 14.75 19.08 -20.92
CA GLY A 181 14.74 18.06 -21.98
C GLY A 181 15.33 16.71 -21.55
N HIS A 182 15.37 16.46 -20.24
CA HIS A 182 15.93 15.22 -19.72
C HIS A 182 14.98 14.59 -18.73
N GLN A 183 15.43 13.59 -17.98
CA GLN A 183 14.62 12.93 -16.96
C GLN A 183 15.39 12.74 -15.65
N LEU A 184 14.68 12.84 -14.52
CA LEU A 184 15.20 12.40 -13.24
C LEU A 184 14.07 11.82 -12.37
N ASN A 185 13.63 10.60 -12.67
CA ASN A 185 12.53 9.99 -11.92
C ASN A 185 12.91 9.59 -10.50
N PHE A 186 12.78 10.52 -9.57
CA PHE A 186 13.19 10.31 -8.16
C PHE A 186 12.31 9.34 -7.42
N SER A 187 11.12 9.07 -7.95
CA SER A 187 10.19 8.11 -7.36
C SER A 187 10.76 6.68 -7.38
N LEU A 188 11.72 6.44 -8.26
CA LEU A 188 12.39 5.13 -8.36
C LEU A 188 13.57 4.97 -7.41
N ILE A 189 13.83 5.98 -6.58
CA ILE A 189 14.92 5.91 -5.61
C ILE A 189 14.34 5.78 -4.22
N THR A 190 14.85 4.83 -3.45
CA THR A 190 14.36 4.63 -2.09
C THR A 190 14.92 5.70 -1.17
N LYS A 191 14.34 5.82 0.02
CA LYS A 191 14.86 6.75 1.03
C LYS A 191 16.26 6.36 1.48
N GLU A 192 16.53 5.05 1.47
CA GLU A 192 17.81 4.51 1.90
C GLU A 192 18.93 4.83 0.93
N ARG A 193 18.67 4.65 -0.35
CA ARG A 193 19.70 4.90 -1.37
C ARG A 193 20.11 6.38 -1.35
N MET A 194 19.13 7.27 -1.22
CA MET A 194 19.39 8.71 -1.09
C MET A 194 20.22 9.03 0.13
N MET A 195 19.96 8.31 1.20
CA MET A 195 20.67 8.52 2.45
C MET A 195 22.15 8.17 2.30
N VAL A 196 22.43 7.02 1.71
CA VAL A 196 23.80 6.56 1.53
C VAL A 196 24.56 7.46 0.55
N ALA A 197 23.89 7.89 -0.52
CA ALA A 197 24.50 8.77 -1.51
C ALA A 197 24.84 10.14 -0.90
N SER A 198 23.89 10.70 -0.17
CA SER A 198 24.07 11.97 0.52
C SER A 198 25.20 11.87 1.56
N VAL A 199 25.13 10.83 2.40
CA VAL A 199 26.15 10.63 3.43
C VAL A 199 27.55 10.49 2.83
N ALA A 200 27.64 9.80 1.70
CA ALA A 200 28.92 9.56 1.03
C ALA A 200 29.56 10.88 0.64
N VAL A 201 28.74 11.81 0.14
CA VAL A 201 29.22 13.09 -0.34
C VAL A 201 29.58 14.04 0.80
N ALA A 202 28.79 14.00 1.88
CA ALA A 202 28.98 14.92 3.01
C ALA A 202 30.17 14.53 3.89
N GLU A 203 30.50 13.24 3.88
CA GLU A 203 31.54 12.71 4.75
C GLU A 203 32.89 12.61 4.03
N ASN A 204 32.90 11.95 2.87
CA ASN A 204 34.13 11.68 2.12
C ASN A 204 34.38 12.67 1.00
N GLY A 205 33.33 13.37 0.58
CA GLY A 205 33.35 14.12 -0.67
C GLY A 205 33.21 13.21 -1.87
N ASP A 206 32.73 11.98 -1.64
CA ASP A 206 32.64 10.95 -2.67
C ASP A 206 31.35 11.07 -3.51
N LEU A 207 31.51 11.36 -4.80
CA LEU A 207 30.36 11.55 -5.71
C LEU A 207 29.86 10.26 -6.38
N GLU A 208 30.61 9.18 -6.28
CA GLU A 208 30.33 7.97 -7.06
C GLU A 208 28.93 7.38 -6.86
N PRO A 209 28.51 7.14 -5.59
CA PRO A 209 27.12 6.76 -5.34
C PRO A 209 26.03 7.69 -5.97
N MET A 210 26.25 9.01 -5.94
CA MET A 210 25.26 9.98 -6.49
C MET A 210 25.23 9.95 -8.01
N GLN A 211 26.42 9.91 -8.61
CA GLN A 211 26.57 9.77 -10.05
C GLN A 211 25.81 8.54 -10.52
N HIS A 212 26.06 7.44 -9.81
CA HIS A 212 25.38 6.19 -10.03
C HIS A 212 23.87 6.40 -9.92
N LEU A 213 23.44 7.10 -8.88
CA LEU A 213 22.03 7.31 -8.60
C LEU A 213 21.35 8.08 -9.73
N PHE A 214 21.92 9.21 -10.10
CA PHE A 214 21.42 10.01 -11.22
C PHE A 214 21.48 9.26 -12.55
N GLU A 215 22.48 8.41 -12.72
CA GLU A 215 22.63 7.62 -13.94
C GLU A 215 21.45 6.70 -14.10
N ASP A 216 21.11 6.01 -13.01
CA ASP A 216 20.02 5.06 -13.00
C ASP A 216 18.68 5.73 -13.26
N ILE A 217 18.51 6.93 -12.70
CA ILE A 217 17.30 7.75 -12.78
C ILE A 217 17.11 8.51 -14.12
N SER A 218 18.17 8.66 -14.92
CA SER A 218 18.10 9.47 -16.16
C SER A 218 18.28 8.68 -17.47
N ASN A 219 19.05 7.60 -17.42
CA ASN A 219 19.26 6.71 -18.56
C ASN A 219 18.00 5.91 -18.86
N PRO A 220 17.39 6.12 -20.05
CA PRO A 220 16.15 5.38 -20.39
C PRO A 220 16.28 3.87 -20.32
N GLU A 221 17.46 3.37 -20.69
CA GLU A 221 17.72 1.93 -20.67
C GLU A 221 17.71 1.33 -19.27
N LYS A 222 17.98 2.16 -18.26
CA LYS A 222 17.99 1.69 -16.87
C LYS A 222 16.70 2.05 -16.14
N ILE A 223 16.07 3.14 -16.54
CA ILE A 223 14.75 3.51 -16.02
C ILE A 223 13.69 2.41 -16.26
N ARG A 224 13.64 1.88 -17.46
CA ARG A 224 12.73 0.79 -17.78
C ARG A 224 13.01 -0.44 -16.91
N LEU A 225 14.28 -0.70 -16.59
CA LEU A 225 14.60 -1.80 -15.67
C LEU A 225 14.02 -1.59 -14.28
N LEU A 226 14.17 -0.38 -13.73
CA LEU A 226 13.64 -0.08 -12.40
C LEU A 226 12.10 -0.06 -12.36
N LYS A 227 11.48 0.56 -13.38
CA LYS A 227 10.02 0.59 -13.50
C LYS A 227 9.44 -0.81 -13.40
N GLU A 228 10.01 -1.73 -14.17
CA GLU A 228 9.60 -3.13 -14.15
C GLU A 228 9.67 -3.72 -12.74
N PHE A 229 10.79 -3.50 -12.06
CA PHE A 229 10.98 -4.06 -10.73
C PHE A 229 10.03 -3.45 -9.70
N MET A 230 10.00 -2.13 -9.63
CA MET A 230 9.10 -1.43 -8.69
C MET A 230 7.62 -1.85 -8.86
N HIS A 231 7.23 -2.14 -10.10
CA HIS A 231 5.91 -2.68 -10.36
C HIS A 231 5.67 -3.95 -9.53
N THR A 232 6.62 -4.88 -9.51
CA THR A 232 6.39 -6.17 -8.86
C THR A 232 6.11 -6.02 -7.36
N MET A 233 6.53 -4.89 -6.79
CA MET A 233 6.22 -4.56 -5.40
C MET A 233 4.76 -4.19 -5.16
N LYS A 234 4.07 -3.76 -6.21
CA LYS A 234 2.68 -3.26 -6.10
C LYS A 234 1.70 -4.31 -5.52
N ASN A 235 1.03 -3.95 -4.42
CA ASN A 235 0.07 -4.80 -3.71
C ASN A 235 0.63 -6.05 -3.08
N THR A 236 1.94 -6.08 -2.85
CA THR A 236 2.58 -7.22 -2.17
C THR A 236 2.42 -7.12 -0.64
N GLY A 237 2.19 -5.90 -0.15
CA GLY A 237 2.20 -5.61 1.28
C GLY A 237 3.55 -5.07 1.76
N ARG A 238 4.57 -5.12 0.88
CA ARG A 238 5.94 -4.78 1.24
C ARG A 238 6.22 -3.30 1.01
N ASN A 239 7.38 -2.85 1.48
CA ASN A 239 7.85 -1.47 1.34
C ASN A 239 9.37 -1.47 1.14
N VAL A 240 9.79 -1.35 -0.13
CA VAL A 240 11.22 -1.33 -0.48
C VAL A 240 11.94 -0.03 -0.05
N ASN A 241 11.22 0.96 0.47
CA ASN A 241 11.86 2.19 0.97
C ASN A 241 13.03 1.96 1.94
N ASP A 242 12.94 0.89 2.74
CA ASP A 242 14.02 0.49 3.65
C ASP A 242 15.31 -0.02 2.94
N ARG A 243 15.14 -0.48 1.69
CA ARG A 243 16.13 -1.31 0.98
C ARG A 243 16.72 -0.60 -0.25
N PRO A 244 18.05 -0.58 -0.38
CA PRO A 244 18.62 0.03 -1.58
C PRO A 244 18.28 -0.77 -2.85
N VAL A 245 17.67 -0.11 -3.84
CA VAL A 245 17.38 -0.75 -5.13
C VAL A 245 18.23 -0.08 -6.21
N MET A 246 19.00 -0.89 -6.95
CA MET A 246 19.93 -0.38 -7.96
C MET A 246 19.96 -1.18 -9.23
N VAL A 247 20.39 -0.53 -10.30
CA VAL A 247 20.71 -1.22 -11.55
C VAL A 247 22.21 -1.47 -11.51
N ALA A 248 22.60 -2.70 -11.86
CA ALA A 248 24.00 -3.13 -11.79
C ALA A 248 24.93 -2.21 -12.58
N LYS A 249 25.98 -1.72 -11.93
CA LYS A 249 26.98 -0.87 -12.58
C LYS A 249 27.75 -1.65 -13.63
N GLU A 250 28.05 -0.96 -14.72
CA GLU A 250 28.78 -1.55 -15.83
C GLU A 250 30.21 -1.77 -15.39
N GLY A 251 30.63 -3.03 -15.44
CA GLY A 251 31.97 -3.41 -15.04
C GLY A 251 31.97 -4.21 -13.74
N GLU A 252 31.11 -3.81 -12.81
CA GLU A 252 31.12 -4.39 -11.46
C GLU A 252 30.52 -5.81 -11.40
N THR A 253 30.92 -6.54 -10.36
CA THR A 253 30.48 -7.93 -10.17
C THR A 253 29.71 -8.05 -8.86
N TYR A 254 28.50 -8.61 -8.95
CA TYR A 254 27.63 -8.78 -7.79
C TYR A 254 27.37 -10.26 -7.55
N THR A 255 27.35 -10.67 -6.29
CA THR A 255 27.10 -12.05 -5.92
C THR A 255 26.04 -12.15 -4.83
N GLY A 256 25.09 -13.07 -5.03
CA GLY A 256 23.98 -13.24 -4.10
C GLY A 256 23.02 -14.36 -4.48
N THR A 257 21.73 -14.10 -4.28
CA THR A 257 20.67 -15.10 -4.47
C THR A 257 19.59 -14.63 -5.44
N TYR A 258 19.18 -15.50 -6.35
CA TYR A 258 18.29 -15.13 -7.46
C TYR A 258 16.85 -14.85 -7.01
N ARG A 259 16.34 -13.69 -7.38
CA ARG A 259 14.98 -13.30 -6.99
C ARG A 259 13.96 -13.41 -8.13
N GLY A 260 14.38 -13.92 -9.30
CA GLY A 260 13.46 -14.15 -10.43
C GLY A 260 13.57 -13.12 -11.54
N ALA A 261 13.21 -13.54 -12.75
CA ALA A 261 13.38 -12.75 -13.97
C ALA A 261 12.08 -12.14 -14.43
N GLY A 262 12.20 -11.25 -15.43
CA GLY A 262 11.04 -10.70 -16.14
C GLY A 262 11.38 -10.73 -17.63
N LEU A 263 10.67 -9.93 -18.42
CA LEU A 263 10.96 -9.88 -19.86
C LEU A 263 12.27 -9.15 -20.12
N GLU A 264 12.36 -7.93 -19.61
CA GLU A 264 13.49 -7.04 -19.87
C GLU A 264 14.66 -7.26 -18.91
N GLY A 265 14.37 -7.62 -17.67
CA GLY A 265 15.40 -7.74 -16.64
C GLY A 265 15.05 -8.65 -15.47
N PHE A 266 16.05 -8.88 -14.61
CA PHE A 266 15.93 -9.78 -13.45
C PHE A 266 16.32 -9.05 -12.16
N ALA A 267 16.25 -9.76 -11.03
CA ALA A 267 16.61 -9.21 -9.71
C ALA A 267 17.49 -10.17 -8.89
N LEU A 268 18.43 -9.59 -8.14
CA LEU A 268 19.23 -10.32 -7.12
C LEU A 268 18.92 -9.84 -5.68
N ASN A 269 19.49 -10.54 -4.71
CA ASN A 269 19.54 -10.05 -3.33
C ASN A 269 20.99 -10.14 -2.84
N VAL A 270 21.64 -8.99 -2.67
CA VAL A 270 23.02 -8.91 -2.16
C VAL A 270 23.06 -8.10 -0.86
N LYS A 271 23.07 -8.84 0.26
CA LYS A 271 23.09 -8.28 1.61
C LYS A 271 22.01 -7.20 1.83
N GLY A 272 20.75 -7.57 1.57
CA GLY A 272 19.59 -6.70 1.81
C GLY A 272 19.30 -5.65 0.74
N ALA A 273 20.03 -5.70 -0.37
CA ALA A 273 19.89 -4.77 -1.48
C ALA A 273 19.47 -5.51 -2.72
N TYR A 274 18.53 -4.92 -3.47
CA TYR A 274 18.13 -5.46 -4.76
C TYR A 274 18.99 -4.86 -5.88
N ILE A 275 19.72 -5.74 -6.58
CA ILE A 275 20.42 -5.38 -7.82
C ILE A 275 19.57 -5.83 -9.01
N ILE A 276 19.46 -4.98 -10.01
CA ILE A 276 18.65 -5.27 -11.16
C ILE A 276 19.55 -5.29 -12.39
N GLY A 277 19.33 -6.27 -13.27
CA GLY A 277 20.17 -6.46 -14.45
C GLY A 277 19.35 -6.72 -15.69
N ASN A 278 19.92 -6.41 -16.85
CA ASN A 278 19.25 -6.67 -18.12
C ASN A 278 19.28 -8.18 -18.35
N ILE A 279 18.17 -8.74 -18.80
CA ILE A 279 18.07 -10.18 -18.96
C ILE A 279 19.08 -10.70 -19.98
N ASP A 280 19.39 -9.87 -20.97
CA ASP A 280 20.30 -10.22 -22.07
C ASP A 280 21.77 -10.24 -21.66
N HIS A 281 22.09 -9.77 -20.45
CA HIS A 281 23.46 -9.83 -19.94
C HIS A 281 23.76 -11.17 -19.27
N LEU A 282 22.73 -11.99 -19.04
CA LEU A 282 22.96 -13.33 -18.50
C LEU A 282 23.43 -14.27 -19.62
N PRO A 283 24.34 -15.20 -19.30
CA PRO A 283 24.64 -16.25 -20.28
C PRO A 283 23.37 -17.05 -20.61
N PRO A 284 23.00 -17.13 -21.90
CA PRO A 284 21.79 -17.85 -22.34
C PRO A 284 21.55 -19.19 -21.65
N GLU A 285 22.61 -19.92 -21.33
CA GLU A 285 22.51 -21.26 -20.78
C GLU A 285 22.26 -21.29 -19.25
N GLN A 286 22.68 -20.24 -18.56
CA GLN A 286 22.33 -20.09 -17.13
C GLN A 286 20.83 -19.88 -16.96
N LEU A 287 20.29 -18.89 -17.69
CA LEU A 287 18.86 -18.53 -17.63
C LEU A 287 17.93 -19.77 -17.71
N LYS A 288 18.32 -20.79 -18.48
CA LYS A 288 17.51 -22.01 -18.62
C LYS A 288 17.30 -22.76 -17.31
N ILE A 289 18.38 -22.98 -16.56
CA ILE A 289 18.32 -23.70 -15.29
C ILE A 289 18.69 -22.79 -14.12
N LEU A 290 17.89 -21.74 -13.90
CA LEU A 290 18.11 -20.80 -12.78
C LEU A 290 16.80 -20.50 -12.04
N LYS A 291 16.61 -21.14 -10.89
CA LYS A 291 15.39 -20.98 -10.08
C LYS A 291 15.55 -19.92 -8.97
N PRO A 292 14.43 -19.43 -8.39
CA PRO A 292 14.51 -18.43 -7.30
C PRO A 292 15.15 -18.96 -6.02
N GLY A 293 16.18 -18.28 -5.54
CA GLY A 293 16.94 -18.73 -4.38
C GLY A 293 18.31 -19.30 -4.73
N ASP A 294 18.55 -19.56 -6.01
CA ASP A 294 19.84 -20.06 -6.48
C ASP A 294 20.92 -19.00 -6.27
N LYS A 295 22.07 -19.42 -5.76
CA LYS A 295 23.22 -18.53 -5.64
C LYS A 295 23.79 -18.29 -7.04
N ILE A 296 23.94 -17.02 -7.42
CA ILE A 296 24.54 -16.69 -8.72
C ILE A 296 25.49 -15.50 -8.63
N THR A 297 26.66 -15.63 -9.27
CA THR A 297 27.55 -14.51 -9.52
C THR A 297 27.25 -13.98 -10.91
N PHE A 298 27.24 -12.65 -11.03
CA PHE A 298 26.94 -11.95 -12.27
C PHE A 298 27.95 -10.80 -12.44
N THR A 299 28.32 -10.52 -13.68
CA THR A 299 29.18 -9.37 -13.98
C THR A 299 28.59 -8.56 -15.13
N ALA A 300 28.32 -7.29 -14.86
CA ALA A 300 27.77 -6.40 -15.86
C ALA A 300 28.83 -6.12 -16.92
N PRO A 301 28.48 -6.26 -18.20
CA PRO A 301 29.43 -6.04 -19.27
C PRO A 301 29.75 -4.54 -19.47
N LYS A 302 30.64 -4.26 -20.41
CA LYS A 302 31.06 -2.90 -20.76
C LYS A 302 29.91 -1.91 -20.81
N GLU B 12 -0.71 -42.89 -0.14
CA GLU B 12 0.57 -43.04 -0.89
C GLU B 12 0.56 -42.26 -2.21
N ILE B 13 -0.35 -42.62 -3.11
CA ILE B 13 -0.48 -41.92 -4.37
C ILE B 13 -1.30 -40.65 -4.14
N ILE B 14 -2.61 -40.78 -3.93
CA ILE B 14 -3.48 -39.63 -3.68
C ILE B 14 -3.38 -39.21 -2.20
N SER B 15 -2.79 -38.05 -1.93
CA SER B 15 -2.62 -37.54 -0.55
C SER B 15 -2.80 -36.01 -0.47
N PRO B 16 -3.47 -35.51 0.58
CA PRO B 16 -3.55 -34.06 0.77
C PRO B 16 -2.20 -33.38 0.89
N HIS B 17 -1.18 -34.09 1.37
CA HIS B 17 0.13 -33.49 1.55
C HIS B 17 0.83 -33.14 0.22
N HIS B 18 0.28 -33.59 -0.91
CA HIS B 18 0.91 -33.29 -2.20
C HIS B 18 0.58 -31.91 -2.75
N TYR B 19 -0.29 -31.17 -2.06
CA TYR B 19 -0.63 -29.79 -2.42
C TYR B 19 0.49 -28.79 -2.07
N VAL B 20 1.34 -29.18 -1.13
CA VAL B 20 2.33 -28.28 -0.53
C VAL B 20 3.74 -28.82 -0.77
N TYR B 21 4.74 -27.94 -0.86
CA TYR B 21 6.12 -28.39 -1.06
C TYR B 21 6.57 -29.21 0.18
N PRO B 22 7.32 -30.32 -0.03
CA PRO B 22 7.77 -31.17 1.08
C PRO B 22 8.52 -30.38 2.16
N ASN B 23 8.17 -30.61 3.43
CA ASN B 23 8.71 -29.86 4.60
C ASN B 23 8.38 -28.37 4.71
N THR B 24 7.41 -27.89 3.94
CA THR B 24 6.94 -26.52 4.09
C THR B 24 5.45 -26.55 4.27
N THR B 25 4.87 -25.39 4.55
CA THR B 25 3.41 -25.23 4.56
C THR B 25 2.97 -24.31 3.42
N THR B 26 3.82 -24.14 2.40
CA THR B 26 3.52 -23.17 1.34
C THR B 26 3.01 -23.94 0.12
N LEU B 27 1.78 -23.64 -0.29
CA LEU B 27 1.11 -24.38 -1.38
C LEU B 27 1.93 -24.33 -2.66
N LYS B 28 1.92 -25.42 -3.42
CA LYS B 28 2.57 -25.46 -4.74
C LYS B 28 1.99 -24.41 -5.70
N ASN B 29 2.88 -23.68 -6.37
CA ASN B 29 2.46 -22.56 -7.21
C ASN B 29 3.23 -22.46 -8.52
N LYS B 30 2.62 -21.74 -9.46
CA LYS B 30 3.17 -21.56 -10.79
C LYS B 30 4.45 -20.74 -10.79
N TYR B 31 4.73 -20.01 -9.72
CA TYR B 31 5.98 -19.23 -9.62
C TYR B 31 7.15 -20.10 -9.22
N GLY B 32 6.89 -21.26 -8.62
CA GLY B 32 7.96 -22.11 -8.07
C GLY B 32 8.57 -21.56 -6.79
N ILE B 33 7.84 -20.72 -6.05
CA ILE B 33 8.30 -20.11 -4.80
C ILE B 33 8.01 -21.01 -3.59
N LYS B 34 9.04 -21.44 -2.87
CA LYS B 34 8.87 -22.30 -1.70
C LYS B 34 8.67 -21.49 -0.41
N ASN B 35 9.21 -20.27 -0.40
CA ASN B 35 9.02 -19.38 0.75
C ASN B 35 7.58 -18.86 0.84
N LEU B 36 7.01 -18.93 2.04
CA LEU B 36 5.63 -18.56 2.27
C LEU B 36 5.42 -17.06 2.05
N ASN B 37 6.20 -16.25 2.75
CA ASN B 37 6.09 -14.81 2.63
C ASN B 37 6.24 -14.34 1.20
N ALA B 38 7.24 -14.85 0.51
CA ALA B 38 7.53 -14.43 -0.87
C ALA B 38 6.35 -14.82 -1.73
N PHE B 39 5.91 -16.06 -1.62
CA PHE B 39 4.74 -16.50 -2.36
C PHE B 39 3.49 -15.66 -2.08
N LEU B 40 3.22 -15.37 -0.82
CA LEU B 40 1.98 -14.68 -0.44
C LEU B 40 1.96 -13.25 -0.97
N GLU B 41 3.15 -12.70 -1.16
CA GLU B 41 3.32 -11.38 -1.74
C GLU B 41 3.01 -11.39 -3.23
N LYS B 42 3.60 -12.32 -3.97
CA LYS B 42 3.36 -12.46 -5.42
C LYS B 42 1.90 -12.77 -5.66
N CYS B 43 1.35 -13.67 -4.85
CA CYS B 43 -0.04 -14.06 -4.99
C CYS B 43 -0.94 -12.85 -4.80
N SER B 44 -0.62 -12.05 -3.80
CA SER B 44 -1.42 -10.90 -3.45
C SER B 44 -1.39 -9.86 -4.60
N HIS B 45 -0.21 -9.65 -5.18
CA HIS B 45 -0.01 -8.76 -6.33
C HIS B 45 -0.83 -9.17 -7.54
N ASP B 46 -0.70 -10.44 -7.94
CA ASP B 46 -1.46 -10.99 -9.08
C ASP B 46 -3.01 -11.03 -8.90
N THR B 47 -3.50 -11.41 -7.71
CA THR B 47 -4.95 -11.49 -7.46
C THR B 47 -5.61 -10.10 -7.45
N ALA B 48 -4.88 -9.09 -6.99
CA ALA B 48 -5.42 -7.73 -6.95
C ALA B 48 -5.51 -7.12 -8.34
N LYS B 49 -4.60 -7.53 -9.23
CA LYS B 49 -4.67 -7.19 -10.66
C LYS B 49 -5.89 -7.84 -11.30
N ALA B 50 -6.04 -9.15 -11.07
CA ALA B 50 -7.13 -9.91 -11.66
C ALA B 50 -8.43 -9.28 -11.25
N MET B 51 -8.55 -8.95 -9.97
CA MET B 51 -9.74 -8.29 -9.42
C MET B 51 -10.22 -7.12 -10.25
N ILE B 52 -9.32 -6.18 -10.50
CA ILE B 52 -9.59 -5.01 -11.35
C ILE B 52 -10.36 -5.39 -12.63
N ASN B 53 -9.83 -6.35 -13.37
CA ASN B 53 -10.43 -6.81 -14.64
C ASN B 53 -11.73 -7.52 -14.41
N LEU B 54 -11.76 -8.38 -13.40
CA LEU B 54 -12.97 -9.14 -13.07
C LEU B 54 -14.13 -8.21 -12.75
N ARG B 55 -13.85 -7.14 -12.02
CA ARG B 55 -14.88 -6.14 -11.73
C ARG B 55 -15.45 -5.45 -12.99
N GLU B 56 -14.72 -5.54 -14.11
CA GLU B 56 -15.14 -4.92 -15.38
C GLU B 56 -15.98 -5.82 -16.28
N GLU B 57 -15.90 -7.14 -16.08
CA GLU B 57 -16.62 -8.05 -16.98
C GLU B 57 -18.14 -7.96 -16.71
N SER B 58 -18.92 -8.39 -17.70
CA SER B 58 -20.38 -8.29 -17.65
C SER B 58 -20.98 -9.34 -16.71
N LEU B 59 -21.97 -8.93 -15.93
CA LEU B 59 -22.65 -9.84 -14.99
C LEU B 59 -23.38 -10.95 -15.75
N PRO B 60 -23.33 -12.19 -15.23
CA PRO B 60 -23.85 -13.33 -16.00
C PRO B 60 -25.37 -13.45 -15.97
N GLU B 61 -25.94 -14.34 -16.78
CA GLU B 61 -27.38 -14.63 -16.67
C GLU B 61 -27.61 -15.67 -15.57
N TYR B 62 -26.76 -16.69 -15.53
CA TYR B 62 -26.86 -17.71 -14.49
C TYR B 62 -25.79 -17.50 -13.40
N PHE B 63 -26.23 -17.63 -12.15
CA PHE B 63 -25.30 -17.64 -11.03
C PHE B 63 -25.23 -19.05 -10.52
N ASP B 64 -24.21 -19.78 -10.96
CA ASP B 64 -24.03 -21.15 -10.58
C ASP B 64 -22.59 -21.39 -10.16
N THR B 65 -22.30 -22.61 -9.75
CA THR B 65 -20.96 -22.93 -9.32
C THR B 65 -19.97 -22.79 -10.48
N ALA B 66 -20.41 -22.98 -11.72
CA ALA B 66 -19.53 -22.76 -12.89
C ALA B 66 -19.04 -21.34 -12.94
N TYR B 67 -19.92 -20.42 -12.54
CA TYR B 67 -19.53 -19.02 -12.40
C TYR B 67 -18.56 -18.84 -11.24
N LEU B 68 -18.89 -19.43 -10.10
CA LEU B 68 -17.98 -19.42 -8.96
C LEU B 68 -16.60 -19.89 -9.41
N CYS B 69 -16.58 -20.96 -10.21
CA CYS B 69 -15.31 -21.50 -10.72
C CYS B 69 -14.65 -20.53 -11.66
N HIS B 70 -15.44 -19.88 -12.54
CA HIS B 70 -14.89 -18.91 -13.50
C HIS B 70 -14.16 -17.77 -12.80
N ILE B 71 -14.77 -17.30 -11.71
CA ILE B 71 -14.19 -16.28 -10.87
C ILE B 71 -12.85 -16.75 -10.31
N HIS B 72 -12.86 -17.90 -9.63
CA HIS B 72 -11.65 -18.47 -9.03
C HIS B 72 -10.56 -18.66 -10.07
N GLN B 73 -10.97 -19.20 -11.21
CA GLN B 73 -10.08 -19.44 -12.33
C GLN B 73 -9.45 -18.14 -12.77
N GLN B 74 -10.26 -17.10 -12.91
CA GLN B 74 -9.76 -15.80 -13.35
C GLN B 74 -8.86 -15.10 -12.33
N LEU B 75 -9.12 -15.35 -11.06
CA LEU B 75 -8.32 -14.76 -9.99
C LEU B 75 -6.95 -15.42 -9.84
N PHE B 76 -6.89 -16.74 -9.93
CA PHE B 76 -5.68 -17.49 -9.60
C PHE B 76 -5.03 -18.20 -10.80
N LYS B 77 -5.45 -17.87 -12.03
CA LYS B 77 -4.88 -18.48 -13.24
C LYS B 77 -3.33 -18.45 -13.28
N ASN B 78 -2.71 -17.37 -12.80
CA ASN B 78 -1.24 -17.24 -12.80
C ASN B 78 -0.55 -17.76 -11.54
N THR B 79 -1.34 -18.24 -10.57
CA THR B 79 -0.81 -18.64 -9.25
C THR B 79 -0.81 -20.18 -9.06
N PHE B 80 -1.98 -20.79 -9.26
CA PHE B 80 -2.17 -22.21 -9.03
C PHE B 80 -2.53 -22.92 -10.31
N GLU B 81 -2.04 -24.15 -10.44
CA GLU B 81 -2.37 -25.01 -11.59
C GLU B 81 -3.80 -25.48 -11.54
N TRP B 82 -4.37 -25.52 -10.33
CA TRP B 82 -5.74 -25.97 -10.14
C TRP B 82 -6.72 -24.80 -10.09
N ALA B 83 -6.36 -23.69 -10.74
CA ALA B 83 -7.14 -22.47 -10.72
C ALA B 83 -8.67 -22.63 -10.70
N GLY B 84 -9.31 -23.15 -11.72
CA GLY B 84 -10.78 -23.13 -11.66
C GLY B 84 -11.42 -24.36 -11.06
N TYR B 85 -10.70 -25.07 -10.18
CA TYR B 85 -11.05 -26.46 -9.80
C TYR B 85 -11.52 -26.60 -8.38
N LEU B 86 -12.60 -27.33 -8.21
CA LEU B 86 -13.11 -27.64 -6.88
C LEU B 86 -12.30 -28.77 -6.23
N ARG B 87 -12.20 -28.74 -4.90
CA ARG B 87 -11.25 -29.59 -4.15
C ARG B 87 -11.61 -31.07 -4.08
N HIS B 88 -12.86 -31.41 -4.41
CA HIS B 88 -13.34 -32.79 -4.24
C HIS B 88 -12.96 -33.77 -5.35
N ILE B 89 -12.38 -33.26 -6.42
CA ILE B 89 -11.83 -34.10 -7.46
C ILE B 89 -10.30 -34.07 -7.31
N PRO B 90 -9.68 -35.23 -7.13
CA PRO B 90 -8.23 -35.35 -7.09
C PRO B 90 -7.54 -34.63 -8.25
N PHE B 91 -6.40 -34.01 -7.99
CA PHE B 91 -5.73 -33.17 -8.97
C PHE B 91 -4.28 -33.61 -9.20
N THR B 92 -3.95 -33.98 -10.43
CA THR B 92 -2.57 -34.33 -10.76
C THR B 92 -1.82 -33.14 -11.29
N PHE B 93 -0.71 -32.82 -10.63
CA PHE B 93 0.17 -31.74 -11.05
C PHE B 93 1.07 -32.12 -12.25
N ALA B 94 1.73 -31.10 -12.81
CA ALA B 94 2.74 -31.28 -13.86
C ALA B 94 3.97 -32.06 -13.38
N ASP B 95 4.23 -32.02 -12.08
CA ASP B 95 5.34 -32.79 -11.46
C ASP B 95 5.00 -34.28 -11.23
N GLY B 96 3.76 -34.67 -11.48
CA GLY B 96 3.38 -36.09 -11.45
C GLY B 96 2.65 -36.56 -10.21
N THR B 97 2.68 -35.79 -9.13
CA THR B 97 1.99 -36.15 -7.89
C THR B 97 0.53 -35.72 -7.93
N THR B 98 -0.34 -36.49 -7.26
CA THR B 98 -1.77 -36.24 -7.25
C THR B 98 -2.20 -35.88 -5.84
N ALA B 99 -2.98 -34.82 -5.72
CA ALA B 99 -3.43 -34.32 -4.44
C ALA B 99 -4.93 -34.58 -4.31
N ALA B 100 -5.45 -34.58 -3.08
CA ALA B 100 -6.90 -34.68 -2.88
C ALA B 100 -7.36 -34.22 -1.50
N MET B 101 -8.69 -34.14 -1.37
CA MET B 101 -9.35 -33.79 -0.12
C MET B 101 -8.93 -34.71 1.01
N PRO B 102 -8.87 -34.18 2.24
CA PRO B 102 -8.91 -35.09 3.38
C PRO B 102 -10.34 -35.64 3.51
N GLU B 103 -10.48 -36.96 3.38
CA GLU B 103 -11.78 -37.62 3.47
C GLU B 103 -12.10 -37.85 4.95
N MET B 104 -13.13 -38.64 5.24
CA MET B 104 -13.63 -38.80 6.62
C MET B 104 -14.38 -40.13 6.81
N LYS B 105 -15.39 -40.38 7.01
CA LYS B 105 -15.64 -41.81 7.11
C LYS B 105 -16.52 -42.48 6.06
N ARG B 106 -16.38 -43.81 6.07
CA ARG B 106 -17.26 -44.76 5.38
C ARG B 106 -16.79 -45.11 3.97
N THR B 107 -15.52 -45.47 3.86
CA THR B 107 -14.97 -45.96 2.58
C THR B 107 -15.42 -47.37 2.30
N GLY B 108 -15.30 -48.24 3.30
CA GLY B 108 -15.73 -49.63 3.16
C GLY B 108 -17.14 -49.73 2.61
N TRP B 109 -17.96 -48.71 2.91
CA TRP B 109 -19.38 -48.73 2.58
C TRP B 109 -19.83 -47.69 1.59
N LYS B 110 -18.64 -47.64 0.29
CA LYS B 110 -19.37 -46.52 -0.29
C LYS B 110 -20.76 -46.97 -0.80
N ASN B 111 -21.72 -46.04 -0.79
CA ASN B 111 -23.08 -46.29 -1.29
C ASN B 111 -23.21 -45.89 -2.74
N ALA B 112 -23.32 -46.90 -3.62
CA ALA B 112 -23.47 -46.69 -5.05
C ALA B 112 -24.54 -45.66 -5.41
N PHE B 113 -25.62 -45.62 -4.64
CA PHE B 113 -26.82 -44.82 -4.96
C PHE B 113 -26.92 -43.49 -4.22
N ALA B 114 -25.79 -43.04 -3.66
CA ALA B 114 -25.72 -41.80 -2.95
C ALA B 114 -24.90 -40.79 -3.75
N ILE B 115 -25.18 -39.50 -3.57
CA ILE B 115 -24.35 -38.46 -4.17
C ILE B 115 -22.92 -38.60 -3.63
N GLY B 116 -21.94 -38.21 -4.46
CA GLY B 116 -20.53 -38.49 -4.21
C GLY B 116 -19.99 -38.06 -2.87
N ASP B 117 -20.32 -36.84 -2.44
CA ASP B 117 -19.82 -36.30 -1.18
C ASP B 117 -20.49 -34.99 -0.80
N GLU B 118 -20.26 -34.53 0.43
CA GLU B 118 -20.95 -33.37 1.01
C GLU B 118 -20.75 -32.08 0.19
N ILE B 119 -19.57 -31.91 -0.42
CA ILE B 119 -19.28 -30.75 -1.27
C ILE B 119 -20.21 -30.68 -2.48
N GLN B 120 -20.26 -31.78 -3.23
CA GLN B 120 -21.12 -31.86 -4.42
C GLN B 120 -22.59 -31.61 -4.06
N GLU B 121 -23.06 -32.27 -3.00
CA GLU B 121 -24.46 -32.11 -2.58
C GLU B 121 -24.75 -30.63 -2.25
N GLY B 122 -23.84 -29.99 -1.52
CA GLY B 122 -24.02 -28.60 -1.13
C GLY B 122 -24.01 -27.61 -2.28
N LEU B 123 -23.10 -27.81 -3.24
CA LEU B 123 -23.01 -26.93 -4.39
C LEU B 123 -24.19 -27.10 -5.35
N GLN B 124 -24.62 -28.33 -5.59
CA GLN B 124 -25.83 -28.60 -6.39
C GLN B 124 -27.06 -27.91 -5.79
N ARG B 125 -27.21 -28.00 -4.47
CA ARG B 125 -28.26 -27.33 -3.71
C ARG B 125 -28.19 -25.80 -3.88
N LEU B 126 -27.01 -25.23 -3.73
CA LEU B 126 -26.80 -23.80 -3.91
C LEU B 126 -27.32 -23.37 -5.30
N ASP B 127 -26.78 -23.98 -6.35
CA ASP B 127 -27.25 -23.75 -7.73
C ASP B 127 -28.77 -23.85 -7.86
N GLN B 128 -29.34 -24.80 -7.13
CA GLN B 128 -30.77 -25.11 -7.25
C GLN B 128 -31.65 -24.04 -6.64
N THR B 129 -31.23 -23.52 -5.49
CA THR B 129 -32.05 -22.54 -4.79
C THR B 129 -31.96 -21.18 -5.49
N LEU B 130 -30.78 -20.78 -5.93
CA LEU B 130 -30.63 -19.55 -6.71
C LEU B 130 -31.48 -19.57 -7.97
N ALA B 131 -31.52 -20.73 -8.63
CA ALA B 131 -32.36 -20.94 -9.81
C ALA B 131 -33.85 -20.75 -9.51
N GLU B 132 -34.29 -21.29 -8.37
CA GLU B 132 -35.69 -21.19 -7.97
C GLU B 132 -36.12 -19.81 -7.51
N LYS B 133 -35.17 -18.97 -7.12
CA LYS B 133 -35.50 -17.63 -6.63
C LYS B 133 -35.13 -16.51 -7.60
N ASN B 134 -34.85 -16.87 -8.85
CA ASN B 134 -34.43 -15.93 -9.88
C ASN B 134 -33.24 -15.08 -9.43
N ASN B 135 -32.23 -15.73 -8.84
CA ASN B 135 -31.05 -15.04 -8.36
C ASN B 135 -31.34 -13.93 -7.34
N LEU B 136 -32.40 -14.12 -6.56
CA LEU B 136 -32.83 -13.21 -5.50
C LEU B 136 -33.16 -11.83 -6.02
N GLN B 137 -33.91 -11.79 -7.12
CA GLN B 137 -34.02 -10.57 -7.92
C GLN B 137 -35.02 -9.55 -7.34
N GLY B 138 -36.32 -9.86 -7.36
CA GLY B 138 -37.34 -8.85 -7.07
C GLY B 138 -37.66 -8.56 -5.62
N LEU B 139 -36.64 -8.31 -4.80
CA LEU B 139 -36.83 -8.24 -3.35
C LEU B 139 -36.50 -6.86 -2.79
N THR B 140 -36.86 -6.66 -1.52
CA THR B 140 -36.42 -5.50 -0.78
C THR B 140 -35.07 -5.82 -0.15
N ARG B 141 -34.40 -4.82 0.42
CA ARG B 141 -33.09 -5.04 1.03
C ARG B 141 -33.10 -6.05 2.17
N GLU B 142 -34.02 -5.88 3.10
CA GLU B 142 -34.12 -6.75 4.27
C GLU B 142 -34.30 -8.20 3.84
N GLU B 143 -35.26 -8.43 2.96
CA GLU B 143 -35.48 -9.75 2.37
C GLU B 143 -34.23 -10.28 1.67
N PHE B 144 -33.60 -9.45 0.82
CA PHE B 144 -32.41 -9.87 0.06
C PHE B 144 -31.24 -10.23 0.99
N ASN B 145 -30.98 -9.38 1.98
CA ASN B 145 -29.90 -9.65 2.94
C ASN B 145 -30.16 -10.94 3.74
N SER B 146 -31.41 -11.18 4.09
CA SER B 146 -31.79 -12.37 4.84
C SER B 146 -31.51 -13.67 4.08
N GLU B 147 -31.82 -13.67 2.79
CA GLU B 147 -31.62 -14.83 1.93
C GLU B 147 -30.15 -15.03 1.60
N ALA B 148 -29.45 -13.91 1.34
CA ALA B 148 -28.01 -13.92 1.01
C ALA B 148 -27.19 -14.46 2.16
N ILE B 149 -27.53 -14.08 3.39
CA ILE B 149 -26.83 -14.65 4.56
C ILE B 149 -26.95 -16.19 4.64
N GLU B 150 -28.12 -16.74 4.35
CA GLU B 150 -28.28 -18.19 4.35
C GLU B 150 -27.41 -18.82 3.26
N LEU B 151 -27.40 -18.24 2.06
CA LEU B 151 -26.51 -18.74 0.99
C LEU B 151 -25.05 -18.54 1.33
N PHE B 152 -24.71 -17.38 1.89
CA PHE B 152 -23.33 -17.05 2.23
C PHE B 152 -22.76 -17.98 3.28
N ASN B 153 -23.46 -18.11 4.41
CA ASN B 153 -23.04 -19.04 5.47
C ASN B 153 -22.85 -20.46 4.93
N SER B 154 -23.80 -20.89 4.12
CA SER B 154 -23.76 -22.22 3.54
C SER B 154 -22.49 -22.42 2.74
N LEU B 155 -22.24 -21.53 1.79
CA LEU B 155 -21.06 -21.61 0.93
C LEU B 155 -19.77 -21.49 1.74
N ASN B 156 -19.77 -20.67 2.78
CA ASN B 156 -18.54 -20.45 3.53
C ASN B 156 -18.08 -21.69 4.27
N GLN B 157 -19.02 -22.46 4.81
CA GLN B 157 -18.64 -23.67 5.53
C GLN B 157 -18.06 -24.72 4.59
N LEU B 158 -18.60 -24.78 3.37
CA LEU B 158 -18.13 -25.69 2.32
C LEU B 158 -16.65 -25.57 1.94
N HIS B 159 -16.09 -24.36 1.98
CA HIS B 159 -14.69 -24.14 1.59
C HIS B 159 -14.46 -24.89 0.26
N PRO B 160 -15.23 -24.56 -0.79
CA PRO B 160 -15.28 -25.41 -2.01
C PRO B 160 -13.95 -25.53 -2.79
N PHE B 161 -13.05 -24.55 -2.65
CA PHE B 161 -11.76 -24.61 -3.28
C PHE B 161 -10.72 -24.84 -2.19
N ARG B 162 -9.62 -25.47 -2.58
CA ARG B 162 -8.49 -25.70 -1.69
C ARG B 162 -7.99 -24.40 -1.07
N GLU B 163 -8.07 -23.32 -1.84
CA GLU B 163 -7.69 -22.00 -1.34
C GLU B 163 -8.29 -20.92 -2.26
N GLY B 164 -8.38 -19.71 -1.73
CA GLY B 164 -8.91 -18.58 -2.49
C GLY B 164 -10.41 -18.46 -2.35
N ASN B 165 -10.97 -19.17 -1.38
CA ASN B 165 -12.40 -19.16 -1.14
C ASN B 165 -12.93 -17.77 -0.79
N GLY B 166 -12.24 -17.04 0.07
CA GLY B 166 -12.70 -15.73 0.52
C GLY B 166 -12.96 -14.73 -0.58
N ARG B 167 -11.94 -14.44 -1.38
CA ARG B 167 -12.05 -13.42 -2.41
C ARG B 167 -13.11 -13.77 -3.45
N THR B 168 -13.20 -15.04 -3.83
CA THR B 168 -14.07 -15.43 -4.92
C THR B 168 -15.55 -15.41 -4.48
N GLN B 169 -15.74 -15.75 -3.22
CA GLN B 169 -17.02 -15.79 -2.53
C GLN B 169 -17.55 -14.38 -2.34
N ARG B 170 -16.68 -13.48 -1.85
CA ARG B 170 -17.02 -12.09 -1.69
C ARG B 170 -17.47 -11.48 -3.04
N LEU B 171 -16.75 -11.77 -4.11
CA LEU B 171 -17.05 -11.18 -5.45
C LEU B 171 -18.31 -11.80 -6.05
N PHE B 172 -18.49 -13.09 -5.83
CA PHE B 172 -19.69 -13.77 -6.30
C PHE B 172 -20.99 -13.09 -5.80
N PHE B 173 -20.97 -12.65 -4.54
CA PHE B 173 -22.14 -12.05 -3.89
C PHE B 173 -22.23 -10.55 -4.11
N GLU B 174 -21.10 -9.86 -4.26
CA GLU B 174 -21.15 -8.47 -4.64
C GLU B 174 -21.93 -8.35 -5.95
N ASN B 175 -21.60 -9.21 -6.91
CA ASN B 175 -22.23 -9.23 -8.23
C ASN B 175 -23.65 -9.77 -8.21
N LEU B 176 -23.95 -10.60 -7.21
CA LEU B 176 -25.31 -11.12 -7.03
C LEU B 176 -26.24 -10.00 -6.62
N ALA B 177 -25.83 -9.27 -5.58
CA ALA B 177 -26.56 -8.12 -5.09
C ALA B 177 -26.67 -7.00 -6.13
N LYS B 178 -25.59 -6.73 -6.87
CA LYS B 178 -25.63 -5.66 -7.86
C LYS B 178 -26.68 -5.99 -8.89
N ALA B 179 -26.71 -7.24 -9.34
CA ALA B 179 -27.73 -7.72 -10.26
C ALA B 179 -29.16 -7.57 -9.70
N ALA B 180 -29.36 -7.97 -8.44
CA ALA B 180 -30.69 -7.93 -7.80
C ALA B 180 -31.19 -6.50 -7.43
N GLY B 181 -30.37 -5.48 -7.70
CA GLY B 181 -30.74 -4.08 -7.50
C GLY B 181 -30.25 -3.46 -6.21
N HIS B 182 -29.47 -4.20 -5.43
CA HIS B 182 -29.02 -3.76 -4.11
C HIS B 182 -27.50 -3.59 -4.12
N GLN B 183 -26.89 -3.57 -2.94
CA GLN B 183 -25.44 -3.41 -2.79
C GLN B 183 -24.88 -4.39 -1.78
N LEU B 184 -23.62 -4.78 -1.97
CA LEU B 184 -22.84 -5.41 -0.90
C LEU B 184 -21.33 -5.12 -1.10
N ASN B 185 -20.86 -3.96 -0.64
CA ASN B 185 -19.43 -3.59 -0.72
C ASN B 185 -18.58 -4.30 0.33
N PHE B 186 -18.03 -5.45 -0.03
CA PHE B 186 -17.21 -6.22 0.88
C PHE B 186 -15.81 -5.64 1.00
N SER B 187 -15.46 -4.71 0.11
CA SER B 187 -14.14 -4.06 0.22
C SER B 187 -14.03 -3.26 1.52
N LEU B 188 -15.16 -2.95 2.14
CA LEU B 188 -15.20 -2.20 3.42
C LEU B 188 -15.20 -3.11 4.68
N ILE B 189 -15.02 -4.42 4.50
CA ILE B 189 -15.03 -5.34 5.61
C ILE B 189 -13.65 -5.90 5.78
N THR B 190 -13.07 -5.75 6.96
CA THR B 190 -11.73 -6.24 7.24
C THR B 190 -11.72 -7.79 7.29
N LYS B 191 -10.55 -8.41 7.10
CA LYS B 191 -10.44 -9.87 7.22
C LYS B 191 -10.90 -10.31 8.60
N GLU B 192 -10.53 -9.53 9.61
CA GLU B 192 -10.85 -9.83 10.98
C GLU B 192 -12.35 -9.84 11.21
N ARG B 193 -13.04 -8.80 10.74
CA ARG B 193 -14.49 -8.72 10.99
C ARG B 193 -15.22 -9.93 10.43
N MET B 194 -14.89 -10.27 9.19
CA MET B 194 -15.37 -11.50 8.53
C MET B 194 -15.07 -12.76 9.30
N MET B 195 -13.89 -12.81 9.92
CA MET B 195 -13.46 -13.98 10.67
C MET B 195 -14.31 -14.22 11.90
N VAL B 196 -14.53 -13.14 12.64
CA VAL B 196 -15.40 -13.14 13.82
C VAL B 196 -16.84 -13.50 13.46
N ALA B 197 -17.33 -12.95 12.35
CA ALA B 197 -18.67 -13.26 11.88
C ALA B 197 -18.84 -14.72 11.47
N SER B 198 -17.89 -15.24 10.68
CA SER B 198 -17.90 -16.65 10.29
C SER B 198 -17.84 -17.59 11.50
N VAL B 199 -16.81 -17.38 12.33
CA VAL B 199 -16.57 -18.19 13.52
C VAL B 199 -17.81 -18.30 14.42
N ALA B 200 -18.51 -17.18 14.59
CA ALA B 200 -19.70 -17.11 15.43
C ALA B 200 -20.81 -18.03 14.91
N VAL B 201 -20.99 -18.06 13.60
CA VAL B 201 -22.05 -18.87 12.98
C VAL B 201 -21.73 -20.38 13.04
N ALA B 202 -20.50 -20.75 12.70
CA ALA B 202 -20.08 -22.15 12.71
C ALA B 202 -19.97 -22.72 14.13
N GLU B 203 -19.71 -21.86 15.11
CA GLU B 203 -19.55 -22.30 16.49
C GLU B 203 -20.88 -22.33 17.25
N ASN B 204 -21.54 -21.17 17.33
CA ASN B 204 -22.75 -20.99 18.14
C ASN B 204 -24.04 -21.16 17.34
N GLY B 205 -23.97 -20.99 16.04
CA GLY B 205 -25.15 -20.82 15.21
C GLY B 205 -25.66 -19.39 15.31
N ASP B 206 -24.83 -18.49 15.82
CA ASP B 206 -25.20 -17.10 16.07
C ASP B 206 -25.04 -16.22 14.83
N LEU B 207 -26.16 -15.68 14.35
CA LEU B 207 -26.18 -14.88 13.11
C LEU B 207 -25.91 -13.38 13.29
N GLU B 208 -26.04 -12.86 14.51
CA GLU B 208 -26.00 -11.41 14.72
C GLU B 208 -24.76 -10.71 14.10
N PRO B 209 -23.54 -11.21 14.39
CA PRO B 209 -22.38 -10.58 13.77
C PRO B 209 -22.45 -10.46 12.24
N MET B 210 -23.04 -11.46 11.58
CA MET B 210 -23.22 -11.43 10.12
C MET B 210 -24.29 -10.43 9.70
N GLN B 211 -25.42 -10.46 10.40
CA GLN B 211 -26.53 -9.55 10.11
C GLN B 211 -26.09 -8.11 10.23
N HIS B 212 -25.19 -7.87 11.19
CA HIS B 212 -24.53 -6.60 11.39
C HIS B 212 -23.64 -6.30 10.19
N LEU B 213 -22.85 -7.30 9.81
CA LEU B 213 -21.87 -7.14 8.72
C LEU B 213 -22.53 -6.81 7.40
N PHE B 214 -23.68 -7.44 7.16
CA PHE B 214 -24.44 -7.20 5.94
C PHE B 214 -25.18 -5.87 5.94
N GLU B 215 -25.61 -5.43 7.12
CA GLU B 215 -26.30 -4.14 7.25
C GLU B 215 -25.37 -2.98 6.92
N ASP B 216 -24.16 -3.03 7.46
CA ASP B 216 -23.17 -1.97 7.28
C ASP B 216 -22.73 -1.85 5.82
N ILE B 217 -22.78 -2.96 5.11
CA ILE B 217 -22.29 -3.07 3.74
C ILE B 217 -23.39 -2.82 2.70
N SER B 218 -24.66 -2.77 3.12
CA SER B 218 -25.79 -2.62 2.20
C SER B 218 -26.70 -1.37 2.42
N ASN B 219 -26.76 -0.90 3.67
CA ASN B 219 -27.37 0.39 4.00
C ASN B 219 -26.46 1.53 3.50
N PRO B 220 -26.96 2.34 2.54
CA PRO B 220 -26.20 3.48 1.98
C PRO B 220 -25.76 4.50 3.03
N GLU B 221 -26.62 4.72 4.02
CA GLU B 221 -26.34 5.63 5.11
C GLU B 221 -25.09 5.16 5.87
N LYS B 222 -24.91 3.86 6.01
CA LYS B 222 -23.76 3.36 6.75
C LYS B 222 -22.52 3.18 5.88
N ILE B 223 -22.72 2.96 4.58
CA ILE B 223 -21.60 2.80 3.64
C ILE B 223 -20.80 4.09 3.49
N ARG B 224 -21.48 5.21 3.49
CA ARG B 224 -20.83 6.53 3.38
C ARG B 224 -19.91 6.83 4.58
N LEU B 225 -20.32 6.40 5.77
CA LEU B 225 -19.51 6.50 6.99
C LEU B 225 -18.22 5.66 6.97
N LEU B 226 -18.30 4.43 6.45
CA LEU B 226 -17.13 3.53 6.35
C LEU B 226 -16.18 3.94 5.21
N LYS B 227 -16.75 4.37 4.09
CA LYS B 227 -15.98 4.91 2.95
C LYS B 227 -15.04 6.02 3.45
N GLU B 228 -15.64 6.98 4.16
CA GLU B 228 -14.93 8.12 4.72
C GLU B 228 -13.80 7.69 5.66
N PHE B 229 -14.11 6.73 6.53
CA PHE B 229 -13.13 6.25 7.49
C PHE B 229 -11.94 5.56 6.84
N MET B 230 -12.21 4.68 5.87
CA MET B 230 -11.14 3.98 5.15
C MET B 230 -10.27 4.96 4.36
N HIS B 231 -10.88 6.06 3.90
CA HIS B 231 -10.14 7.09 3.18
C HIS B 231 -9.06 7.71 4.06
N THR B 232 -9.39 7.94 5.32
CA THR B 232 -8.43 8.54 6.23
C THR B 232 -7.16 7.68 6.42
N MET B 233 -7.26 6.39 6.14
CA MET B 233 -6.08 5.50 6.20
C MET B 233 -5.17 5.68 4.99
N LYS B 234 -5.76 6.02 3.84
CA LYS B 234 -5.01 6.14 2.58
C LYS B 234 -3.71 6.90 2.78
N ASN B 235 -2.62 6.32 2.33
CA ASN B 235 -1.26 6.90 2.45
C ASN B 235 -0.72 7.20 3.85
N THR B 236 -1.37 6.72 4.91
CA THR B 236 -0.82 6.92 6.27
C THR B 236 0.30 5.92 6.53
N GLY B 237 0.21 4.74 5.93
CA GLY B 237 1.08 3.62 6.23
C GLY B 237 0.43 2.59 7.15
N ARG B 238 -0.87 2.70 7.40
CA ARG B 238 -1.53 1.90 8.43
C ARG B 238 -2.22 0.66 7.91
N ASN B 239 -2.33 -0.37 8.75
CA ASN B 239 -2.97 -1.64 8.39
C ASN B 239 -4.01 -2.02 9.45
N VAL B 240 -5.27 -1.98 9.00
CA VAL B 240 -6.44 -2.17 9.83
C VAL B 240 -7.14 -3.49 9.45
N ASN B 241 -6.55 -4.22 8.51
CA ASN B 241 -7.16 -5.43 7.98
C ASN B 241 -7.30 -6.54 9.01
N ASP B 242 -6.43 -6.56 10.02
CA ASP B 242 -6.54 -7.53 11.11
C ASP B 242 -7.26 -6.97 12.35
N ARG B 243 -8.09 -5.95 12.15
CA ARG B 243 -8.74 -5.23 13.26
C ARG B 243 -10.23 -5.06 12.96
N PRO B 244 -11.09 -5.26 13.97
CA PRO B 244 -12.54 -5.07 13.76
C PRO B 244 -12.92 -3.60 13.56
N VAL B 245 -13.45 -3.28 12.38
CA VAL B 245 -13.99 -1.95 12.05
C VAL B 245 -15.50 -2.04 11.82
N MET B 246 -16.30 -1.37 12.66
CA MET B 246 -17.75 -1.39 12.54
C MET B 246 -18.36 -0.02 12.60
N VAL B 247 -19.58 0.07 12.08
CA VAL B 247 -20.47 1.21 12.29
C VAL B 247 -21.33 0.86 13.50
N ALA B 248 -21.53 1.84 14.39
CA ALA B 248 -22.25 1.61 15.66
C ALA B 248 -23.66 1.07 15.44
N LYS B 249 -23.99 -0.04 16.10
CA LYS B 249 -25.37 -0.57 16.08
C LYS B 249 -26.35 0.40 16.73
N GLU B 250 -27.53 0.48 16.12
CA GLU B 250 -28.60 1.34 16.62
C GLU B 250 -29.15 0.84 17.94
N GLY B 251 -29.14 1.69 18.96
CA GLY B 251 -29.61 1.34 20.30
C GLY B 251 -28.48 1.06 21.28
N GLU B 252 -27.39 0.46 20.80
CA GLU B 252 -26.30 0.02 21.68
C GLU B 252 -25.41 1.18 22.14
N THR B 253 -24.69 0.94 23.24
CA THR B 253 -23.90 1.96 23.91
C THR B 253 -22.44 1.52 23.99
N TYR B 254 -21.55 2.34 23.42
CA TYR B 254 -20.13 2.04 23.37
C TYR B 254 -19.43 3.03 24.28
N THR B 255 -18.30 2.61 24.82
CA THR B 255 -17.51 3.47 25.70
C THR B 255 -16.01 3.21 25.47
N GLY B 256 -15.26 4.29 25.18
CA GLY B 256 -13.84 4.18 24.86
C GLY B 256 -13.16 5.53 24.64
N THR B 257 -12.11 5.54 23.82
CA THR B 257 -11.33 6.76 23.57
C THR B 257 -11.52 7.29 22.14
N TYR B 258 -11.44 8.62 22.01
CA TYR B 258 -11.73 9.31 20.76
C TYR B 258 -10.56 9.27 19.78
N ARG B 259 -10.82 8.86 18.54
CA ARG B 259 -9.80 8.80 17.50
C ARG B 259 -9.94 9.93 16.45
N GLY B 260 -10.88 10.86 16.65
CA GLY B 260 -11.05 12.01 15.74
C GLY B 260 -12.25 11.91 14.80
N ALA B 261 -12.70 13.08 14.34
CA ALA B 261 -13.87 13.21 13.47
C ALA B 261 -13.50 13.55 12.03
N GLY B 262 -14.51 13.61 11.16
CA GLY B 262 -14.36 14.01 9.77
C GLY B 262 -15.55 14.88 9.42
N LEU B 263 -15.98 14.86 8.15
CA LEU B 263 -17.19 15.57 7.77
C LEU B 263 -18.42 14.77 8.20
N GLU B 264 -18.56 13.56 7.68
CA GLU B 264 -19.77 12.76 7.89
C GLU B 264 -19.80 11.99 9.21
N GLY B 265 -18.64 11.51 9.66
CA GLY B 265 -18.54 10.67 10.86
C GLY B 265 -17.24 10.72 11.63
N PHE B 266 -17.20 10.01 12.76
CA PHE B 266 -16.03 9.97 13.64
C PHE B 266 -15.63 8.53 13.97
N ALA B 267 -14.55 8.36 14.74
CA ALA B 267 -14.08 7.02 15.12
C ALA B 267 -13.72 6.90 16.60
N LEU B 268 -14.14 5.79 17.21
CA LEU B 268 -13.75 5.43 18.59
C LEU B 268 -12.81 4.23 18.64
N ASN B 269 -12.10 4.10 19.76
CA ASN B 269 -11.38 2.89 20.06
C ASN B 269 -12.01 2.23 21.30
N VAL B 270 -12.55 1.03 21.12
CA VAL B 270 -13.15 0.26 22.23
C VAL B 270 -12.47 -1.08 22.40
N LYS B 271 -11.47 -1.14 23.28
CA LYS B 271 -10.66 -2.34 23.45
C LYS B 271 -10.24 -2.90 22.08
N GLY B 272 -9.59 -2.07 21.29
CA GLY B 272 -8.95 -2.51 20.04
C GLY B 272 -9.78 -2.34 18.77
N ALA B 273 -11.11 -2.35 18.92
CA ALA B 273 -12.03 -2.23 17.79
C ALA B 273 -12.13 -0.76 17.40
N TYR B 274 -12.52 -0.51 16.15
CA TYR B 274 -12.83 0.83 15.66
C TYR B 274 -14.32 0.91 15.43
N ILE B 275 -15.02 1.66 16.28
CA ILE B 275 -16.46 1.87 16.10
C ILE B 275 -16.68 3.20 15.44
N ILE B 276 -17.45 3.19 14.36
CA ILE B 276 -17.67 4.38 13.54
C ILE B 276 -19.07 4.90 13.82
N GLY B 277 -19.20 6.21 13.92
CA GLY B 277 -20.52 6.84 14.19
C GLY B 277 -20.80 8.03 13.29
N ASN B 278 -22.09 8.33 13.09
CA ASN B 278 -22.49 9.52 12.34
C ASN B 278 -22.20 10.75 13.19
N ILE B 279 -21.60 11.77 12.57
CA ILE B 279 -21.20 12.98 13.29
C ILE B 279 -22.42 13.73 13.86
N ASP B 280 -23.58 13.55 13.23
CA ASP B 280 -24.82 14.19 13.71
C ASP B 280 -25.37 13.55 14.99
N HIS B 281 -25.02 12.30 15.27
CA HIS B 281 -25.53 11.61 16.47
C HIS B 281 -24.82 12.02 17.76
N LEU B 282 -23.74 12.81 17.66
CA LEU B 282 -23.10 13.39 18.84
C LEU B 282 -23.89 14.60 19.32
N PRO B 283 -23.84 14.90 20.63
CA PRO B 283 -24.37 16.20 21.06
C PRO B 283 -23.53 17.36 20.50
N PRO B 284 -24.18 18.33 19.81
CA PRO B 284 -23.49 19.51 19.25
C PRO B 284 -22.48 20.21 20.19
N GLU B 285 -22.71 20.12 21.50
CA GLU B 285 -21.81 20.73 22.50
C GLU B 285 -20.57 19.89 22.80
N GLN B 286 -20.70 18.56 22.77
CA GLN B 286 -19.54 17.68 22.96
C GLN B 286 -18.51 17.83 21.83
N LEU B 287 -18.98 17.76 20.59
CA LEU B 287 -18.12 17.86 19.41
C LEU B 287 -17.13 19.03 19.51
N LYS B 288 -17.59 20.14 20.07
CA LYS B 288 -16.77 21.35 20.23
C LYS B 288 -15.52 21.11 21.07
N ILE B 289 -15.70 20.57 22.28
CA ILE B 289 -14.58 20.29 23.16
C ILE B 289 -14.31 18.78 23.25
N LEU B 290 -13.90 18.17 22.14
CA LEU B 290 -13.55 16.73 22.12
C LEU B 290 -12.26 16.46 21.34
N LYS B 291 -11.14 16.34 22.06
CA LYS B 291 -9.83 16.09 21.47
C LYS B 291 -9.55 14.57 21.37
N PRO B 292 -8.68 14.15 20.44
CA PRO B 292 -8.33 12.72 20.29
C PRO B 292 -7.70 12.10 21.57
N GLY B 293 -8.44 11.19 22.20
CA GLY B 293 -8.03 10.59 23.47
C GLY B 293 -9.15 10.57 24.49
N ASP B 294 -9.98 11.62 24.50
CA ASP B 294 -11.02 11.83 25.53
C ASP B 294 -11.94 10.61 25.77
N LYS B 295 -12.28 10.39 27.04
CA LYS B 295 -13.18 9.29 27.45
C LYS B 295 -14.64 9.65 27.16
N ILE B 296 -15.16 9.16 26.04
CA ILE B 296 -16.53 9.46 25.64
C ILE B 296 -17.41 8.21 25.52
N THR B 297 -18.54 8.25 26.21
CA THR B 297 -19.57 7.25 26.05
C THR B 297 -20.52 7.76 24.99
N PHE B 298 -20.91 6.88 24.08
CA PHE B 298 -21.77 7.24 22.97
C PHE B 298 -22.83 6.18 22.78
N THR B 299 -24.06 6.64 22.54
CA THR B 299 -25.20 5.76 22.33
C THR B 299 -25.90 6.11 21.02
N ALA B 300 -25.99 5.13 20.12
CA ALA B 300 -26.59 5.33 18.80
C ALA B 300 -28.11 5.37 18.90
N PRO B 301 -28.74 6.35 18.22
CA PRO B 301 -30.19 6.47 18.16
C PRO B 301 -30.82 5.62 17.05
N LYS B 302 -32.14 5.75 16.90
CA LYS B 302 -32.90 5.10 15.81
C LYS B 302 -33.92 6.09 15.23
#